data_8SPN
#
_entry.id   8SPN
#
_cell.length_a   67.677
_cell.length_b   67.944
_cell.length_c   88.371
_cell.angle_alpha   90.00
_cell.angle_beta   90.00
_cell.angle_gamma   90.00
#
_symmetry.space_group_name_H-M   'P 21 21 21'
#
loop_
_entity.id
_entity.type
_entity.pdbx_description
1 polymer 'Macrophage migration inhibitory factor'
2 non-polymer 'SULFATE ION'
3 non-polymer 'ISOPROPYL ALCOHOL'
4 non-polymer GLYCEROL
5 non-polymer Iguratimod
6 water water
#
_entity_poly.entity_id   1
_entity_poly.type   'polypeptide(L)'
_entity_poly.pdbx_seq_one_letter_code
;PMFIVNTNVPRASVPDGFLSELTQQLAQATGKPPQYIAVHVVPDQLMAFGGSSEPCALCSLHSIGKIGGAQNRSYSKLLC
GLLAERLRISPDRVYINYYDMNAANVGWNNSTFA
;
_entity_poly.pdbx_strand_id   A,B,C
#
# COMPACT_ATOMS: atom_id res chain seq x y z
N PRO A 1 -3.49 -11.17 -10.56
CA PRO A 1 -2.37 -10.61 -9.81
C PRO A 1 -2.41 -9.09 -9.89
N MET A 2 -1.80 -8.41 -8.94
CA MET A 2 -1.76 -7.00 -8.88
C MET A 2 -0.29 -6.56 -8.60
N PHE A 3 0.20 -5.67 -9.43
CA PHE A 3 1.57 -5.19 -9.27
C PHE A 3 1.52 -3.68 -9.12
N ILE A 4 2.13 -3.16 -8.07
CA ILE A 4 2.20 -1.75 -7.78
C ILE A 4 3.66 -1.31 -7.63
N VAL A 5 3.97 -0.18 -8.31
CA VAL A 5 5.32 0.40 -8.26
C VAL A 5 5.17 1.83 -7.77
N ASN A 6 5.87 2.15 -6.73
CA ASN A 6 5.90 3.56 -6.17
C ASN A 6 7.36 3.98 -6.37
N THR A 7 7.57 5.14 -7.00
CA THR A 7 8.94 5.62 -7.34
C THR A 7 9.06 7.12 -7.29
N ASN A 8 10.28 7.56 -7.02
CA ASN A 8 10.61 8.95 -7.14
C ASN A 8 10.96 9.42 -8.53
N VAL A 9 11.04 8.52 -9.48
CA VAL A 9 11.25 8.91 -10.89
C VAL A 9 10.00 9.78 -11.33
N PRO A 10 10.27 10.88 -12.08
CA PRO A 10 9.19 11.76 -12.49
C PRO A 10 8.28 11.17 -13.56
N ARG A 11 7.03 11.60 -13.56
CA ARG A 11 6.05 11.08 -14.50
C ARG A 11 6.52 11.10 -15.95
N ALA A 12 7.22 12.18 -16.33
CA ALA A 12 7.68 12.31 -17.74
C ALA A 12 8.69 11.29 -18.14
N SER A 13 9.33 10.68 -17.13
CA SER A 13 10.29 9.63 -17.37
C SER A 13 9.69 8.24 -17.45
N VAL A 14 8.37 8.14 -17.25
CA VAL A 14 7.69 6.85 -17.44
C VAL A 14 7.32 6.75 -18.92
N PRO A 15 7.83 5.80 -19.62
CA PRO A 15 7.58 5.80 -21.07
C PRO A 15 6.18 5.35 -21.44
N ASP A 16 5.78 5.78 -22.61
CA ASP A 16 4.50 5.30 -23.14
C ASP A 16 4.60 3.79 -23.27
N GLY A 17 3.51 3.13 -22.93
CA GLY A 17 3.42 1.69 -23.08
C GLY A 17 3.83 0.89 -21.81
N PHE A 18 4.26 1.58 -20.78
CA PHE A 18 4.87 0.89 -19.58
C PHE A 18 3.80 0.04 -18.92
N LEU A 19 2.59 0.57 -18.68
CA LEU A 19 1.59 -0.29 -18.02
C LEU A 19 1.25 -1.53 -18.87
N SER A 20 1.10 -1.32 -20.21
CA SER A 20 0.84 -2.47 -21.06
C SER A 20 1.96 -3.51 -21.08
N GLU A 21 3.19 -3.07 -21.04
CA GLU A 21 4.35 -3.92 -20.98
C GLU A 21 4.36 -4.73 -19.69
N LEU A 22 4.09 -4.05 -18.58
CA LEU A 22 4.03 -4.78 -17.29
C LEU A 22 2.90 -5.80 -17.31
N THR A 23 1.74 -5.43 -17.86
CA THR A 23 0.57 -6.34 -17.89
C THR A 23 0.94 -7.62 -18.65
N GLN A 24 1.49 -7.41 -19.85
CA GLN A 24 1.91 -8.54 -20.68
C GLN A 24 2.97 -9.40 -20.06
N GLN A 25 4.01 -8.79 -19.53
CA GLN A 25 5.07 -9.53 -18.97
C GLN A 25 4.64 -10.31 -17.73
N LEU A 26 3.81 -9.66 -16.91
CA LEU A 26 3.31 -10.36 -15.71
C LEU A 26 2.35 -11.49 -16.05
N ALA A 27 1.49 -11.33 -17.04
CA ALA A 27 0.68 -12.42 -17.55
C ALA A 27 1.57 -13.61 -17.91
N GLN A 28 2.59 -13.34 -18.68
CA GLN A 28 3.53 -14.36 -19.15
C GLN A 28 4.20 -15.04 -17.96
N ALA A 29 4.71 -14.24 -17.03
CA ALA A 29 5.52 -14.77 -15.92
C ALA A 29 4.70 -15.57 -14.91
N THR A 30 3.46 -15.16 -14.66
CA THR A 30 2.59 -15.88 -13.71
C THR A 30 1.77 -17.01 -14.32
N GLY A 31 1.81 -17.08 -15.64
CA GLY A 31 1.07 -18.09 -16.39
C GLY A 31 -0.43 -17.92 -16.35
N LYS A 32 -0.89 -16.71 -16.19
CA LYS A 32 -2.28 -16.30 -16.09
C LYS A 32 -2.75 -15.41 -17.24
N PRO A 33 -4.06 -15.45 -17.58
CA PRO A 33 -4.52 -14.59 -18.63
C PRO A 33 -4.33 -13.12 -18.24
N PRO A 34 -4.11 -12.26 -19.24
CA PRO A 34 -3.94 -10.89 -18.92
C PRO A 34 -5.11 -10.19 -18.34
N GLN A 35 -6.33 -10.72 -18.59
CA GLN A 35 -7.49 -10.20 -18.01
C GLN A 35 -7.44 -10.14 -16.47
N TYR A 36 -6.64 -10.98 -15.86
CA TYR A 36 -6.56 -11.04 -14.42
C TYR A 36 -5.54 -10.04 -13.89
N ILE A 37 -4.73 -9.42 -14.74
CA ILE A 37 -3.53 -8.62 -14.24
C ILE A 37 -3.91 -7.16 -14.07
N ALA A 38 -3.67 -6.60 -12.90
CA ALA A 38 -3.85 -5.17 -12.64
C ALA A 38 -2.45 -4.59 -12.33
N VAL A 39 -2.19 -3.40 -12.88
CA VAL A 39 -0.90 -2.72 -12.69
C VAL A 39 -1.13 -1.28 -12.31
N HIS A 40 -0.24 -0.72 -11.49
CA HIS A 40 -0.40 0.61 -10.96
C HIS A 40 1.00 1.19 -10.76
N VAL A 41 1.27 2.35 -11.35
CA VAL A 41 2.55 3.00 -11.26
C VAL A 41 2.32 4.40 -10.66
N VAL A 42 3.14 4.76 -9.71
CA VAL A 42 3.02 6.00 -8.90
C VAL A 42 4.31 6.73 -8.93
N PRO A 43 4.50 7.66 -9.84
CA PRO A 43 5.72 8.40 -9.93
C PRO A 43 5.73 9.64 -9.05
N ASP A 44 6.84 10.35 -9.11
CA ASP A 44 7.00 11.64 -8.39
C ASP A 44 6.94 11.54 -6.88
N GLN A 45 7.26 10.38 -6.32
CA GLN A 45 7.16 10.18 -4.93
C GLN A 45 8.34 10.70 -4.11
N LEU A 46 8.01 11.16 -2.92
CA LEU A 46 9.00 11.61 -1.92
C LEU A 46 9.45 10.34 -1.20
N MET A 47 10.62 9.77 -1.63
CA MET A 47 11.12 8.53 -1.04
C MET A 47 12.65 8.54 -1.04
N ALA A 48 13.18 7.75 -0.14
CA ALA A 48 14.60 7.44 -0.11
C ALA A 48 14.84 5.97 0.09
N PHE A 49 16.04 5.52 -0.34
CA PHE A 49 16.40 4.15 -0.19
C PHE A 49 17.87 4.24 0.32
N GLY A 50 18.12 3.70 1.49
CA GLY A 50 19.46 3.82 2.11
C GLY A 50 19.83 5.29 2.37
N GLY A 51 18.85 6.17 2.56
CA GLY A 51 19.01 7.62 2.79
C GLY A 51 19.24 8.49 1.56
N SER A 52 19.30 7.90 0.37
CA SER A 52 19.64 8.56 -0.86
C SER A 52 18.34 8.77 -1.61
N SER A 53 18.29 9.90 -2.32
CA SER A 53 17.11 10.26 -3.14
C SER A 53 17.42 9.92 -4.60
N GLU A 54 18.45 9.13 -4.83
CA GLU A 54 18.71 8.64 -6.19
C GLU A 54 17.51 7.78 -6.63
N PRO A 55 17.31 7.50 -7.94
CA PRO A 55 16.07 6.75 -8.34
C PRO A 55 15.97 5.43 -7.55
N CYS A 56 14.76 5.16 -7.09
CA CYS A 56 14.46 3.93 -6.34
C CYS A 56 12.99 3.58 -6.51
N ALA A 57 12.64 2.36 -6.11
CA ALA A 57 11.26 1.90 -6.18
C ALA A 57 10.91 1.01 -5.02
N LEU A 58 9.65 1.14 -4.57
CA LEU A 58 9.06 0.27 -3.54
C LEU A 58 7.79 -0.30 -4.17
N CYS A 59 7.79 -1.62 -4.33
CA CYS A 59 6.74 -2.30 -5.08
C CYS A 59 6.11 -3.44 -4.33
N SER A 60 4.96 -3.88 -4.87
CA SER A 60 4.29 -5.04 -4.30
C SER A 60 3.74 -5.87 -5.42
N LEU A 61 3.79 -7.19 -5.27
CA LEU A 61 3.11 -8.12 -6.19
C LEU A 61 2.22 -9.04 -5.33
N HIS A 62 0.90 -8.97 -5.57
CA HIS A 62 -0.05 -9.82 -4.87
C HIS A 62 -0.62 -10.83 -5.90
N SER A 63 -0.73 -12.06 -5.51
CA SER A 63 -1.29 -13.12 -6.40
C SER A 63 -1.94 -14.16 -5.56
N ILE A 64 -3.02 -14.76 -6.10
CA ILE A 64 -3.56 -15.98 -5.53
C ILE A 64 -2.76 -17.16 -6.04
N GLY A 65 -1.82 -17.57 -5.21
CA GLY A 65 -0.83 -18.55 -5.60
C GLY A 65 0.22 -17.99 -6.56
N LYS A 66 1.00 -18.91 -7.13
CA LYS A 66 2.14 -18.56 -8.00
C LYS A 66 3.18 -17.65 -7.26
N ILE A 67 3.27 -17.79 -5.96
CA ILE A 67 4.22 -17.10 -5.11
C ILE A 67 5.03 -18.12 -4.37
N GLY A 68 6.36 -18.00 -4.39
CA GLY A 68 7.19 -18.93 -3.65
C GLY A 68 8.65 -18.63 -3.94
N GLY A 69 9.56 -19.34 -3.29
CA GLY A 69 10.98 -19.11 -3.42
C GLY A 69 11.51 -18.83 -4.81
N ALA A 70 11.48 -19.87 -5.64
CA ALA A 70 11.98 -19.75 -6.94
C ALA A 70 11.19 -18.82 -7.80
N GLN A 71 9.86 -18.92 -7.73
CA GLN A 71 9.03 -18.02 -8.54
C GLN A 71 9.31 -16.54 -8.26
N ASN A 72 9.49 -16.22 -7.01
CA ASN A 72 9.73 -14.85 -6.60
C ASN A 72 11.11 -14.35 -7.06
N ARG A 73 12.09 -15.24 -7.06
CA ARG A 73 13.38 -14.84 -7.68
C ARG A 73 13.23 -14.48 -9.14
N SER A 74 12.47 -15.31 -9.87
CA SER A 74 12.23 -15.08 -11.28
C SER A 74 11.43 -13.79 -11.50
N TYR A 75 10.39 -13.54 -10.71
CA TYR A 75 9.70 -12.25 -10.79
C TYR A 75 10.61 -11.07 -10.52
N SER A 76 11.51 -11.19 -9.56
CA SER A 76 12.39 -10.10 -9.22
C SER A 76 13.37 -9.78 -10.32
N LYS A 77 13.88 -10.82 -10.99
CA LYS A 77 14.77 -10.57 -12.13
C LYS A 77 14.00 -9.84 -13.25
N LEU A 78 12.80 -10.35 -13.54
CA LEU A 78 11.97 -9.74 -14.55
C LEU A 78 11.65 -8.29 -14.23
N LEU A 79 11.18 -8.02 -13.03
CA LEU A 79 10.70 -6.75 -12.66
C LEU A 79 11.81 -5.73 -12.43
N CYS A 80 12.91 -6.15 -11.79
CA CYS A 80 14.02 -5.22 -11.67
C CYS A 80 14.59 -4.91 -13.04
N GLY A 81 14.57 -5.89 -13.92
CA GLY A 81 15.01 -5.66 -15.28
C GLY A 81 14.21 -4.58 -15.99
N LEU A 82 12.89 -4.63 -15.87
CA LEU A 82 12.03 -3.63 -16.49
C LEU A 82 12.20 -2.27 -15.88
N LEU A 83 12.34 -2.24 -14.53
CA LEU A 83 12.50 -0.99 -13.87
C LEU A 83 13.85 -0.32 -14.27
N ALA A 84 14.87 -1.16 -14.48
CA ALA A 84 16.20 -0.65 -14.84
C ALA A 84 16.17 -0.14 -16.28
N GLU A 85 15.63 -0.92 -17.16
CA GLU A 85 15.55 -0.55 -18.64
C GLU A 85 14.63 0.67 -18.85
N ARG A 86 13.45 0.66 -18.25
CA ARG A 86 12.48 1.68 -18.54
C ARG A 86 12.52 2.90 -17.71
N LEU A 87 12.83 2.76 -16.41
CA LEU A 87 12.86 3.87 -15.48
C LEU A 87 14.27 4.24 -14.99
N ARG A 88 15.26 3.51 -15.45
CA ARG A 88 16.66 3.75 -15.09
C ARG A 88 16.89 3.69 -13.58
N ILE A 89 16.19 2.76 -12.95
CA ILE A 89 16.38 2.46 -11.52
C ILE A 89 17.28 1.26 -11.30
N SER A 90 18.36 1.42 -10.51
CA SER A 90 19.22 0.33 -10.22
C SER A 90 18.54 -0.80 -9.46
N PRO A 91 18.73 -2.03 -9.86
CA PRO A 91 18.11 -3.13 -9.11
C PRO A 91 18.35 -3.17 -7.66
N ASP A 92 19.49 -2.64 -7.21
CA ASP A 92 19.82 -2.65 -5.76
C ASP A 92 19.12 -1.51 -5.01
N ARG A 93 18.26 -0.76 -5.69
CA ARG A 93 17.47 0.30 -5.13
C ARG A 93 15.97 0.02 -5.37
N VAL A 94 15.66 -1.26 -5.44
CA VAL A 94 14.27 -1.75 -5.64
C VAL A 94 13.97 -2.75 -4.48
N TYR A 95 12.84 -2.57 -3.81
CA TYR A 95 12.27 -3.62 -2.99
C TYR A 95 10.89 -3.99 -3.54
N ILE A 96 10.66 -5.30 -3.62
CA ILE A 96 9.35 -5.82 -4.07
C ILE A 96 8.86 -6.71 -2.95
N ASN A 97 7.68 -6.40 -2.38
CA ASN A 97 7.09 -7.27 -1.37
C ASN A 97 6.11 -8.19 -2.11
N TYR A 98 6.23 -9.50 -1.87
CA TYR A 98 5.37 -10.50 -2.46
C TYR A 98 4.37 -11.00 -1.47
N TYR A 99 3.12 -11.09 -1.94
CA TYR A 99 2.00 -11.53 -1.13
C TYR A 99 1.24 -12.68 -1.79
N ASP A 100 1.21 -13.86 -1.16
CA ASP A 100 0.37 -15.00 -1.59
C ASP A 100 -0.97 -14.83 -0.92
N MET A 101 -1.92 -14.34 -1.68
CA MET A 101 -3.24 -14.08 -1.13
C MET A 101 -4.15 -15.28 -1.15
N ASN A 102 -4.85 -15.50 -0.04
CA ASN A 102 -5.91 -16.49 -0.01
C ASN A 102 -7.07 -16.01 -0.83
N ALA A 103 -7.69 -16.90 -1.63
CA ALA A 103 -8.85 -16.55 -2.47
C ALA A 103 -10.00 -15.84 -1.74
N ALA A 104 -10.19 -16.27 -0.49
CA ALA A 104 -11.24 -15.64 0.36
C ALA A 104 -10.94 -14.25 0.74
N ASN A 105 -9.66 -13.82 0.60
CA ASN A 105 -9.23 -12.49 0.99
C ASN A 105 -9.02 -11.56 -0.22
N VAL A 106 -9.51 -11.94 -1.38
CA VAL A 106 -9.49 -11.13 -2.58
C VAL A 106 -10.90 -10.90 -3.08
N GLY A 107 -11.34 -9.64 -2.98
CA GLY A 107 -12.63 -9.22 -3.55
C GLY A 107 -12.54 -8.82 -5.00
N TRP A 108 -13.64 -9.07 -5.71
CA TRP A 108 -13.78 -8.76 -7.13
C TRP A 108 -15.23 -8.90 -7.48
N ASN A 109 -15.76 -8.02 -8.29
CA ASN A 109 -17.10 -8.18 -8.88
C ASN A 109 -18.15 -8.62 -7.86
N ASN A 110 -18.25 -7.79 -6.83
CA ASN A 110 -19.19 -7.95 -5.73
C ASN A 110 -19.10 -9.14 -4.80
N SER A 111 -18.01 -9.92 -4.92
CA SER A 111 -17.81 -11.11 -4.12
C SER A 111 -16.31 -11.33 -3.89
N THR A 112 -15.90 -12.57 -3.66
CA THR A 112 -14.48 -12.88 -3.58
C THR A 112 -14.21 -14.07 -4.48
N PHE A 113 -12.96 -14.49 -4.51
CA PHE A 113 -12.61 -15.62 -5.33
C PHE A 113 -12.76 -16.97 -4.58
N ALA A 114 -13.18 -16.96 -3.34
CA ALA A 114 -13.31 -18.24 -2.62
C ALA A 114 -14.39 -19.17 -3.23
N PRO B 1 14.32 -2.82 5.82
CA PRO B 1 12.97 -2.41 6.26
C PRO B 1 12.44 -1.27 5.41
N MET B 2 11.10 -1.11 5.42
CA MET B 2 10.45 -0.14 4.57
C MET B 2 9.36 0.52 5.41
N PHE B 3 9.38 1.86 5.47
CA PHE B 3 8.39 2.60 6.24
C PHE B 3 7.69 3.59 5.34
N ILE B 4 6.33 3.51 5.29
CA ILE B 4 5.54 4.37 4.47
C ILE B 4 4.53 5.13 5.35
N VAL B 5 4.46 6.43 5.10
CA VAL B 5 3.51 7.33 5.76
C VAL B 5 2.66 7.95 4.74
N ASN B 6 1.30 7.79 4.84
CA ASN B 6 0.33 8.50 3.94
C ASN B 6 -0.43 9.44 4.86
N THR B 7 -0.47 10.68 4.49
CA THR B 7 -1.04 11.74 5.34
C THR B 7 -1.75 12.80 4.51
N ASN B 8 -2.71 13.48 5.20
CA ASN B 8 -3.36 14.64 4.63
C ASN B 8 -2.65 15.96 4.97
N VAL B 9 -1.56 15.90 5.74
CA VAL B 9 -0.71 17.09 5.95
C VAL B 9 -0.16 17.53 4.60
N PRO B 10 -0.07 18.85 4.33
CA PRO B 10 0.41 19.31 3.05
C PRO B 10 1.95 19.14 2.88
N ARG B 11 2.37 19.02 1.64
CA ARG B 11 3.77 18.81 1.32
C ARG B 11 4.70 19.87 1.95
N ALA B 12 4.25 21.14 1.99
CA ALA B 12 5.10 22.18 2.58
C ALA B 12 5.33 22.05 4.05
N SER B 13 4.48 21.28 4.72
CA SER B 13 4.60 21.03 6.14
C SER B 13 5.51 19.86 6.49
N VAL B 14 6.02 19.17 5.47
CA VAL B 14 7.01 18.12 5.70
C VAL B 14 8.37 18.78 5.76
N PRO B 15 9.03 18.62 6.88
CA PRO B 15 10.26 19.47 6.95
C PRO B 15 11.35 18.87 6.12
N ASP B 16 12.21 19.73 5.63
CA ASP B 16 13.39 19.26 5.03
C ASP B 16 14.11 18.43 6.12
N GLY B 17 14.65 17.34 5.66
CA GLY B 17 15.40 16.44 6.52
C GLY B 17 14.57 15.29 7.08
N PHE B 18 13.24 15.28 6.85
CA PHE B 18 12.40 14.28 7.50
C PHE B 18 12.74 12.85 7.00
N LEU B 19 12.92 12.68 5.70
CA LEU B 19 13.18 11.33 5.19
C LEU B 19 14.53 10.84 5.80
N SER B 20 15.51 11.76 5.88
CA SER B 20 16.78 11.36 6.53
C SER B 20 16.66 11.02 7.97
N GLU B 21 15.83 11.76 8.72
CA GLU B 21 15.58 11.47 10.05
C GLU B 21 14.89 10.09 10.31
N LEU B 22 13.86 9.85 9.50
CA LEU B 22 13.21 8.55 9.57
C LEU B 22 14.22 7.43 9.27
N THR B 23 15.06 7.62 8.25
CA THR B 23 16.05 6.60 7.89
C THR B 23 16.98 6.27 9.08
N GLN B 24 17.49 7.33 9.71
CA GLN B 24 18.40 7.14 10.79
C GLN B 24 17.76 6.55 12.00
N GLN B 25 16.56 7.02 12.33
CA GLN B 25 15.89 6.54 13.52
C GLN B 25 15.45 5.06 13.36
N LEU B 26 15.02 4.72 12.12
CA LEU B 26 14.66 3.33 11.87
C LEU B 26 15.84 2.40 11.82
N ALA B 27 16.96 2.85 11.27
CA ALA B 27 18.20 2.04 11.31
C ALA B 27 18.55 1.70 12.75
N GLN B 28 18.54 2.72 13.61
CA GLN B 28 18.74 2.51 15.02
C GLN B 28 17.77 1.59 15.67
N ALA B 29 16.46 1.80 15.42
CA ALA B 29 15.48 1.02 16.09
C ALA B 29 15.44 -0.46 15.67
N THR B 30 15.67 -0.71 14.39
CA THR B 30 15.65 -2.07 13.86
C THR B 30 16.97 -2.80 14.05
N GLY B 31 18.00 -2.04 14.29
CA GLY B 31 19.34 -2.55 14.37
C GLY B 31 19.95 -3.03 13.10
N LYS B 32 19.42 -2.52 11.98
CA LYS B 32 19.94 -2.77 10.63
C LYS B 32 20.66 -1.62 10.03
N PRO B 33 21.63 -1.90 9.12
CA PRO B 33 22.35 -0.79 8.52
C PRO B 33 21.40 0.14 7.76
N PRO B 34 21.70 1.45 7.77
CA PRO B 34 20.82 2.39 7.04
C PRO B 34 20.72 2.16 5.56
N GLN B 35 21.66 1.47 4.90
CA GLN B 35 21.59 1.14 3.52
C GLN B 35 20.38 0.25 3.15
N TYR B 36 19.86 -0.42 4.15
CA TYR B 36 18.70 -1.29 3.94
C TYR B 36 17.38 -0.60 4.25
N ILE B 37 17.41 0.62 4.81
CA ILE B 37 16.14 1.26 5.21
C ILE B 37 15.61 2.11 4.05
N ALA B 38 14.32 1.91 3.67
CA ALA B 38 13.65 2.67 2.63
C ALA B 38 12.49 3.37 3.33
N VAL B 39 12.29 4.61 2.97
CA VAL B 39 11.27 5.54 3.61
C VAL B 39 10.48 6.26 2.51
N HIS B 40 9.19 6.48 2.74
CA HIS B 40 8.29 6.98 1.71
C HIS B 40 7.19 7.73 2.39
N VAL B 41 7.10 9.03 2.06
CA VAL B 41 6.14 9.96 2.67
C VAL B 41 5.24 10.49 1.59
N VAL B 42 3.92 10.41 1.81
CA VAL B 42 2.95 10.78 0.82
C VAL B 42 1.99 11.80 1.39
N PRO B 43 2.27 13.08 1.13
CA PRO B 43 1.44 14.08 1.73
C PRO B 43 0.20 14.39 0.85
N ASP B 44 -0.54 15.41 1.30
CA ASP B 44 -1.67 15.98 0.53
C ASP B 44 -2.79 14.94 0.22
N GLN B 45 -2.90 13.91 1.05
CA GLN B 45 -3.86 12.83 0.77
C GLN B 45 -5.29 13.17 1.23
N LEU B 46 -6.24 12.65 0.47
CA LEU B 46 -7.68 12.70 0.75
C LEU B 46 -8.00 11.58 1.72
N MET B 47 -8.18 11.96 3.01
CA MET B 47 -8.15 11.04 4.15
C MET B 47 -9.10 11.47 5.26
N ALA B 48 -9.63 10.49 5.93
CA ALA B 48 -10.24 10.77 7.15
C ALA B 48 -9.97 9.71 8.15
N PHE B 49 -10.10 10.04 9.43
CA PHE B 49 -9.85 9.16 10.55
C PHE B 49 -10.94 9.47 11.50
N GLY B 50 -11.75 8.47 11.84
CA GLY B 50 -12.94 8.74 12.72
C GLY B 50 -13.98 9.62 12.10
N GLY B 51 -14.01 9.76 10.78
CA GLY B 51 -14.88 10.70 10.04
C GLY B 51 -14.46 12.15 9.99
N SER B 52 -13.28 12.46 10.52
CA SER B 52 -12.71 13.81 10.58
C SER B 52 -11.51 13.95 9.65
N SER B 53 -11.35 15.09 9.01
CA SER B 53 -10.19 15.38 8.17
C SER B 53 -9.11 16.20 8.87
N GLU B 54 -9.10 16.24 10.19
CA GLU B 54 -7.97 16.82 10.96
C GLU B 54 -6.77 16.00 10.52
N PRO B 55 -5.56 16.53 10.71
CA PRO B 55 -4.38 15.73 10.39
C PRO B 55 -4.36 14.34 10.97
N CYS B 56 -4.01 13.39 10.08
CA CYS B 56 -3.97 12.01 10.44
C CYS B 56 -2.88 11.34 9.60
N ALA B 57 -2.62 10.08 9.92
CA ALA B 57 -1.68 9.26 9.09
C ALA B 57 -2.00 7.80 9.12
N LEU B 58 -1.78 7.17 7.94
CA LEU B 58 -1.87 5.72 7.78
C LEU B 58 -0.51 5.25 7.29
N CYS B 59 0.10 4.37 8.06
CA CYS B 59 1.48 3.99 7.84
C CYS B 59 1.64 2.47 7.85
N SER B 60 2.81 2.07 7.34
CA SER B 60 3.18 0.65 7.30
C SER B 60 4.66 0.51 7.61
N LEU B 61 5.04 -0.46 8.43
CA LEU B 61 6.47 -0.85 8.58
C LEU B 61 6.63 -2.31 8.22
N HIS B 62 7.46 -2.59 7.21
CA HIS B 62 7.76 -3.99 6.78
C HIS B 62 9.19 -4.25 7.19
N SER B 63 9.45 -5.43 7.74
CA SER B 63 10.84 -5.83 8.05
C SER B 63 10.91 -7.34 7.92
N ILE B 64 12.09 -7.86 7.53
CA ILE B 64 12.37 -9.27 7.65
C ILE B 64 12.85 -9.49 9.07
N GLY B 65 11.93 -9.92 9.90
CA GLY B 65 12.15 -10.03 11.33
C GLY B 65 12.13 -8.69 12.03
N LYS B 66 12.53 -8.70 13.28
CA LYS B 66 12.49 -7.50 14.11
C LYS B 66 11.07 -6.92 14.26
N ILE B 67 10.11 -7.82 14.21
CA ILE B 67 8.68 -7.48 14.35
C ILE B 67 8.12 -8.37 15.45
N GLY B 68 7.43 -7.76 16.40
CA GLY B 68 6.83 -8.53 17.48
C GLY B 68 6.21 -7.64 18.52
N GLY B 69 5.57 -8.24 19.51
CA GLY B 69 4.83 -7.52 20.56
C GLY B 69 5.48 -6.31 21.14
N ALA B 70 6.56 -6.54 21.87
CA ALA B 70 7.31 -5.45 22.44
C ALA B 70 8.00 -4.53 21.47
N GLN B 71 8.61 -5.09 20.42
CA GLN B 71 9.24 -4.29 19.41
C GLN B 71 8.28 -3.31 18.77
N ASN B 72 7.08 -3.84 18.49
CA ASN B 72 6.13 -3.00 17.76
C ASN B 72 5.58 -1.87 18.65
N ARG B 73 5.42 -2.16 19.95
CA ARG B 73 5.11 -1.07 20.90
C ARG B 73 6.19 0.00 20.87
N SER B 74 7.47 -0.40 20.87
CA SER B 74 8.55 0.56 20.82
C SER B 74 8.59 1.36 19.52
N TYR B 75 8.37 0.65 18.39
CA TYR B 75 8.31 1.35 17.12
C TYR B 75 7.16 2.37 17.11
N SER B 76 6.05 2.02 17.74
CA SER B 76 4.86 2.89 17.68
C SER B 76 5.04 4.16 18.48
N LYS B 77 5.70 3.99 19.63
CA LYS B 77 6.10 5.19 20.39
C LYS B 77 7.08 6.10 19.63
N LEU B 78 8.14 5.49 19.02
CA LEU B 78 9.05 6.22 18.22
C LEU B 78 8.40 6.98 17.07
N LEU B 79 7.60 6.26 16.30
CA LEU B 79 7.08 6.79 15.06
C LEU B 79 5.92 7.79 15.29
N CYS B 80 5.08 7.49 16.23
CA CYS B 80 4.08 8.49 16.61
C CYS B 80 4.73 9.76 17.15
N GLY B 81 5.82 9.56 17.88
CA GLY B 81 6.61 10.71 18.35
C GLY B 81 7.12 11.59 17.28
N LEU B 82 7.69 10.99 16.24
CA LEU B 82 8.15 11.72 15.12
C LEU B 82 7.05 12.37 14.30
N LEU B 83 5.93 11.65 14.13
CA LEU B 83 4.84 12.23 13.38
C LEU B 83 4.17 13.45 14.11
N ALA B 84 4.13 13.34 15.42
CA ALA B 84 3.60 14.46 16.25
C ALA B 84 4.55 15.65 16.21
N GLU B 85 5.85 15.40 16.44
CA GLU B 85 6.82 16.52 16.47
C GLU B 85 7.01 17.19 15.11
N ARG B 86 7.18 16.39 14.03
CA ARG B 86 7.53 16.92 12.77
C ARG B 86 6.35 17.31 11.89
N LEU B 87 5.26 16.53 11.95
CA LEU B 87 4.09 16.80 11.12
C LEU B 87 2.89 17.30 11.91
N ARG B 88 2.97 17.36 13.24
CA ARG B 88 1.91 17.89 14.09
C ARG B 88 0.60 17.05 13.99
N ILE B 89 0.80 15.76 13.87
CA ILE B 89 -0.27 14.82 13.87
C ILE B 89 -0.42 14.17 15.21
N SER B 90 -1.63 14.19 15.76
CA SER B 90 -1.88 13.56 17.03
C SER B 90 -1.70 12.05 17.02
N PRO B 91 -1.00 11.45 18.00
CA PRO B 91 -0.80 10.01 18.02
C PRO B 91 -2.06 9.18 17.90
N ASP B 92 -3.18 9.69 18.39
CA ASP B 92 -4.46 8.96 18.33
C ASP B 92 -5.12 9.09 16.94
N ARG B 93 -4.45 9.71 15.97
CA ARG B 93 -4.93 9.81 14.61
C ARG B 93 -3.91 9.15 13.67
N VAL B 94 -3.13 8.24 14.22
CA VAL B 94 -2.14 7.45 13.48
C VAL B 94 -2.46 6.00 13.60
N TYR B 95 -2.45 5.28 12.47
CA TYR B 95 -2.39 3.85 12.46
C TYR B 95 -1.07 3.44 11.79
N ILE B 96 -0.44 2.42 12.35
CA ILE B 96 0.75 1.80 11.72
C ILE B 96 0.50 0.29 11.64
N ASN B 97 0.57 -0.27 10.43
CA ASN B 97 0.45 -1.71 10.25
C ASN B 97 1.88 -2.27 10.14
N TYR B 98 2.15 -3.31 10.94
CA TYR B 98 3.45 -3.97 10.99
C TYR B 98 3.38 -5.29 10.21
N TYR B 99 4.37 -5.51 9.36
CA TYR B 99 4.49 -6.76 8.57
C TYR B 99 5.86 -7.42 8.75
N ASP B 100 5.84 -8.65 9.28
CA ASP B 100 7.08 -9.48 9.39
C ASP B 100 7.18 -10.27 8.10
N MET B 101 8.04 -9.79 7.22
CA MET B 101 8.15 -10.42 5.91
C MET B 101 9.06 -11.60 5.92
N ASN B 102 8.68 -12.68 5.24
CA ASN B 102 9.64 -13.79 4.97
C ASN B 102 10.64 -13.38 3.95
N ALA B 103 11.95 -13.68 4.17
CA ALA B 103 12.96 -13.32 3.21
C ALA B 103 12.73 -13.75 1.78
N ALA B 104 12.08 -14.90 1.59
CA ALA B 104 11.71 -15.33 0.23
C ALA B 104 10.67 -14.48 -0.44
N ASN B 105 9.95 -13.67 0.33
CA ASN B 105 8.90 -12.78 -0.20
C ASN B 105 9.31 -11.33 -0.31
N VAL B 106 10.64 -11.07 -0.26
CA VAL B 106 11.13 -9.75 -0.48
C VAL B 106 12.15 -9.81 -1.63
N GLY B 107 11.81 -9.17 -2.72
CA GLY B 107 12.65 -8.98 -3.89
C GLY B 107 13.53 -7.79 -3.80
N TRP B 108 14.76 -7.95 -4.29
CA TRP B 108 15.80 -6.87 -4.22
C TRP B 108 16.90 -7.33 -5.16
N ASN B 109 17.45 -6.42 -5.94
CA ASN B 109 18.65 -6.70 -6.74
C ASN B 109 18.51 -7.97 -7.56
N ASN B 110 17.43 -8.03 -8.37
CA ASN B 110 17.19 -9.16 -9.30
C ASN B 110 16.89 -10.51 -8.72
N SER B 111 16.77 -10.61 -7.38
CA SER B 111 16.53 -11.86 -6.70
C SER B 111 15.71 -11.59 -5.45
N THR B 112 15.78 -12.46 -4.43
CA THR B 112 15.15 -12.18 -3.17
C THR B 112 16.18 -12.35 -2.06
N PHE B 113 15.77 -12.09 -0.86
CA PHE B 113 16.69 -12.20 0.30
C PHE B 113 16.79 -13.62 0.83
N ALA B 114 16.05 -14.59 0.29
CA ALA B 114 16.13 -15.97 0.79
C ALA B 114 17.53 -16.54 0.66
N PRO C 1 -10.80 0.09 11.44
CA PRO C 1 -10.24 -0.60 10.30
C PRO C 1 -9.73 0.51 9.37
N MET C 2 -9.09 0.10 8.29
CA MET C 2 -8.54 1.06 7.38
C MET C 2 -8.92 0.61 5.99
N PHE C 3 -9.50 1.52 5.21
CA PHE C 3 -9.84 1.25 3.82
C PHE C 3 -9.23 2.22 2.88
N ILE C 4 -8.50 1.69 1.88
CA ILE C 4 -7.84 2.47 0.92
C ILE C 4 -8.33 2.13 -0.48
N VAL C 5 -8.63 3.15 -1.27
CA VAL C 5 -8.98 3.00 -2.68
C VAL C 5 -8.11 3.81 -3.58
N ASN C 6 -7.46 3.15 -4.51
CA ASN C 6 -6.61 3.80 -5.52
C ASN C 6 -7.37 3.64 -6.83
N THR C 7 -7.50 4.71 -7.61
CA THR C 7 -8.27 4.68 -8.82
C THR C 7 -7.76 5.66 -9.83
N ASN C 8 -8.05 5.34 -11.08
CA ASN C 8 -7.75 6.24 -12.22
C ASN C 8 -8.86 7.26 -12.46
N VAL C 9 -9.97 7.14 -11.76
CA VAL C 9 -11.02 8.14 -11.83
C VAL C 9 -10.47 9.49 -11.32
N PRO C 10 -10.78 10.56 -12.04
CA PRO C 10 -10.24 11.86 -11.63
C PRO C 10 -10.78 12.43 -10.38
N ARG C 11 -9.99 13.28 -9.73
CA ARG C 11 -10.39 13.87 -8.48
C ARG C 11 -11.80 14.56 -8.54
N ALA C 12 -12.09 15.26 -9.65
CA ALA C 12 -13.36 16.01 -9.73
C ALA C 12 -14.53 15.11 -9.79
N SER C 13 -14.32 13.84 -10.13
CA SER C 13 -15.42 12.87 -10.18
C SER C 13 -15.69 12.23 -8.81
N VAL C 14 -14.88 12.53 -7.80
CA VAL C 14 -15.13 12.00 -6.47
C VAL C 14 -16.07 12.95 -5.78
N PRO C 15 -17.26 12.48 -5.42
CA PRO C 15 -18.25 13.44 -4.92
C PRO C 15 -17.98 13.92 -3.49
N ASP C 16 -18.53 15.06 -3.15
CA ASP C 16 -18.52 15.49 -1.79
C ASP C 16 -19.27 14.46 -0.99
N GLY C 17 -18.72 14.18 0.17
CA GLY C 17 -19.26 13.29 1.12
C GLY C 17 -18.83 11.83 0.95
N PHE C 18 -17.95 11.57 -0.01
CA PHE C 18 -17.59 10.15 -0.33
C PHE C 18 -16.85 9.54 0.89
N LEU C 19 -15.86 10.23 1.42
CA LEU C 19 -15.19 9.68 2.60
C LEU C 19 -16.08 9.42 3.77
N SER C 20 -17.02 10.33 4.03
CA SER C 20 -17.94 10.17 5.09
C SER C 20 -18.92 9.00 4.89
N GLU C 21 -19.32 8.79 3.63
CA GLU C 21 -20.17 7.68 3.26
C GLU C 21 -19.42 6.37 3.45
N LEU C 22 -18.16 6.33 3.00
CA LEU C 22 -17.38 5.13 3.21
C LEU C 22 -17.21 4.80 4.69
N THR C 23 -16.95 5.85 5.50
CA THR C 23 -16.81 5.67 6.95
C THR C 23 -18.04 5.08 7.57
N GLN C 24 -19.18 5.67 7.28
CA GLN C 24 -20.41 5.20 7.84
C GLN C 24 -20.79 3.78 7.40
N GLN C 25 -20.57 3.52 6.13
CA GLN C 25 -20.98 2.20 5.57
C GLN C 25 -20.01 1.14 6.10
N LEU C 26 -18.72 1.48 6.24
CA LEU C 26 -17.84 0.56 6.88
C LEU C 26 -18.09 0.29 8.31
N ALA C 27 -18.52 1.32 9.06
CA ALA C 27 -18.85 1.06 10.39
C ALA C 27 -20.10 0.10 10.46
N GLN C 28 -21.04 0.32 9.57
CA GLN C 28 -22.27 -0.51 9.47
C GLN C 28 -21.88 -1.94 9.16
N ALA C 29 -20.99 -2.09 8.21
CA ALA C 29 -20.69 -3.44 7.75
C ALA C 29 -19.76 -4.23 8.69
N THR C 30 -18.70 -3.60 9.24
CA THR C 30 -17.74 -4.27 10.07
C THR C 30 -18.17 -4.39 11.52
N GLY C 31 -19.09 -3.53 11.91
CA GLY C 31 -19.50 -3.32 13.27
C GLY C 31 -18.58 -2.45 14.09
N LYS C 32 -17.44 -2.00 13.54
CA LYS C 32 -16.50 -1.24 14.31
C LYS C 32 -17.06 0.15 14.46
N PRO C 33 -16.82 0.77 15.61
CA PRO C 33 -17.29 2.15 15.79
C PRO C 33 -16.69 3.10 14.77
N PRO C 34 -17.40 4.12 14.35
CA PRO C 34 -16.87 4.98 13.32
C PRO C 34 -15.57 5.67 13.76
N GLN C 35 -15.34 5.85 15.06
CA GLN C 35 -14.12 6.51 15.57
C GLN C 35 -12.87 5.72 15.20
N TYR C 36 -13.05 4.44 14.93
CA TYR C 36 -11.91 3.56 14.62
C TYR C 36 -11.67 3.44 13.17
N ILE C 37 -12.53 3.99 12.33
CA ILE C 37 -12.41 3.79 10.86
C ILE C 37 -11.61 4.88 10.20
N ALA C 38 -10.59 4.48 9.44
CA ALA C 38 -9.85 5.40 8.63
C ALA C 38 -10.05 5.06 7.16
N VAL C 39 -10.18 6.08 6.33
CA VAL C 39 -10.48 5.95 4.91
C VAL C 39 -9.54 6.80 4.13
N HIS C 40 -9.15 6.35 2.94
CA HIS C 40 -8.17 7.03 2.13
C HIS C 40 -8.53 6.78 0.68
N VAL C 41 -8.70 7.83 -0.12
CA VAL C 41 -9.02 7.75 -1.51
C VAL C 41 -8.01 8.44 -2.34
N VAL C 42 -7.47 7.75 -3.32
CA VAL C 42 -6.40 8.23 -4.15
C VAL C 42 -6.83 8.24 -5.59
N PRO C 43 -7.29 9.38 -6.09
CA PRO C 43 -7.69 9.46 -7.53
C PRO C 43 -6.56 9.80 -8.49
N ASP C 44 -6.90 9.91 -9.77
CA ASP C 44 -5.93 10.35 -10.80
C ASP C 44 -4.73 9.40 -10.97
N GLN C 45 -4.92 8.10 -10.65
CA GLN C 45 -3.85 7.17 -10.76
C GLN C 45 -3.63 6.59 -12.12
N LEU C 46 -2.35 6.33 -12.41
CA LEU C 46 -1.88 5.64 -13.60
C LEU C 46 -2.02 4.15 -13.31
N MET C 47 -3.11 3.55 -13.77
CA MET C 47 -3.36 2.11 -13.54
C MET C 47 -4.07 1.47 -14.71
N ALA C 48 -3.92 0.19 -14.84
CA ALA C 48 -4.70 -0.61 -15.75
C ALA C 48 -5.22 -1.88 -15.12
N PHE C 49 -6.30 -2.46 -15.68
CA PHE C 49 -6.91 -3.67 -15.20
C PHE C 49 -7.24 -4.49 -16.40
N GLY C 50 -6.69 -5.65 -16.51
CA GLY C 50 -6.88 -6.51 -17.68
C GLY C 50 -6.29 -5.92 -18.92
N GLY C 51 -5.27 -5.07 -18.75
CA GLY C 51 -4.61 -4.29 -19.86
C GLY C 51 -5.35 -3.09 -20.39
N SER C 52 -6.49 -2.68 -19.79
CA SER C 52 -7.30 -1.57 -20.19
C SER C 52 -7.24 -0.44 -19.19
N SER C 53 -7.32 0.79 -19.64
CA SER C 53 -7.35 1.94 -18.77
C SER C 53 -8.73 2.53 -18.59
N GLU C 54 -9.77 1.74 -18.84
CA GLU C 54 -11.09 2.11 -18.38
C GLU C 54 -11.12 2.27 -16.87
N PRO C 55 -12.08 2.96 -16.30
CA PRO C 55 -12.16 3.12 -14.83
C PRO C 55 -12.01 1.84 -14.08
N CYS C 56 -11.09 1.85 -13.10
CA CYS C 56 -10.87 0.68 -12.24
C CYS C 56 -10.40 1.14 -10.86
N ALA C 57 -10.32 0.16 -9.96
CA ALA C 57 -9.81 0.44 -8.60
C ALA C 57 -9.10 -0.71 -8.00
N LEU C 58 -8.07 -0.38 -7.24
CA LEU C 58 -7.32 -1.34 -6.38
C LEU C 58 -7.44 -0.85 -4.96
N CYS C 59 -7.97 -1.71 -4.09
CA CYS C 59 -8.34 -1.32 -2.75
C CYS C 59 -7.76 -2.28 -1.74
N SER C 60 -7.81 -1.83 -0.49
CA SER C 60 -7.36 -2.68 0.63
C SER C 60 -8.27 -2.44 1.84
N LEU C 61 -8.65 -3.51 2.57
CA LEU C 61 -9.33 -3.32 3.83
C LEU C 61 -8.58 -4.09 4.91
N HIS C 62 -8.05 -3.38 5.93
CA HIS C 62 -7.36 -3.97 7.08
C HIS C 62 -8.21 -3.82 8.31
N SER C 63 -8.28 -4.88 9.08
CA SER C 63 -9.08 -4.85 10.32
C SER C 63 -8.50 -5.80 11.28
N ILE C 64 -8.63 -5.49 12.58
CA ILE C 64 -8.33 -6.50 13.61
C ILE C 64 -9.58 -7.32 13.75
N GLY C 65 -9.55 -8.52 13.15
CA GLY C 65 -10.77 -9.33 13.08
C GLY C 65 -11.79 -8.80 12.12
N LYS C 66 -12.94 -9.47 12.14
CA LYS C 66 -14.04 -9.11 11.25
C LYS C 66 -13.65 -9.34 9.77
N ILE C 67 -12.74 -10.26 9.53
CA ILE C 67 -12.29 -10.69 8.17
C ILE C 67 -12.52 -12.19 8.05
N GLY C 68 -13.15 -12.62 6.96
CA GLY C 68 -13.40 -14.03 6.74
C GLY C 68 -14.24 -14.27 5.53
N GLY C 69 -14.50 -15.52 5.21
CA GLY C 69 -15.22 -15.87 4.03
C GLY C 69 -16.45 -15.07 3.69
N ALA C 70 -17.44 -15.21 4.56
CA ALA C 70 -18.71 -14.55 4.33
C ALA C 70 -18.65 -13.05 4.53
N GLN C 71 -17.90 -12.62 5.54
CA GLN C 71 -17.72 -11.18 5.79
C GLN C 71 -17.13 -10.49 4.59
N ASN C 72 -16.08 -11.11 4.03
CA ASN C 72 -15.45 -10.50 2.86
C ASN C 72 -16.30 -10.43 1.62
N ARG C 73 -17.11 -11.47 1.37
CA ARG C 73 -18.14 -11.36 0.34
C ARG C 73 -19.05 -10.20 0.56
N SER C 74 -19.54 -10.05 1.78
CA SER C 74 -20.41 -8.94 2.10
C SER C 74 -19.74 -7.55 1.94
N TYR C 75 -18.49 -7.42 2.36
CA TYR C 75 -17.75 -6.19 2.09
C TYR C 75 -17.54 -5.88 0.64
N SER C 76 -17.30 -6.93 -0.17
CA SER C 76 -17.10 -6.65 -1.54
C SER C 76 -18.31 -6.18 -2.25
N LYS C 77 -19.44 -6.75 -1.88
CA LYS C 77 -20.74 -6.29 -2.47
C LYS C 77 -21.02 -4.83 -2.10
N LEU C 78 -20.80 -4.55 -0.85
CA LEU C 78 -20.92 -3.16 -0.38
C LEU C 78 -20.02 -2.19 -1.07
N LEU C 79 -18.74 -2.52 -1.12
CA LEU C 79 -17.78 -1.59 -1.58
C LEU C 79 -17.78 -1.45 -3.08
N CYS C 80 -17.94 -2.59 -3.82
CA CYS C 80 -18.12 -2.47 -5.26
C CYS C 80 -19.38 -1.61 -5.55
N GLY C 81 -20.38 -1.81 -4.74
CA GLY C 81 -21.65 -1.07 -4.94
C GLY C 81 -21.46 0.47 -4.82
N LEU C 82 -20.69 0.88 -3.83
CA LEU C 82 -20.34 2.29 -3.65
C LEU C 82 -19.44 2.84 -4.72
N LEU C 83 -18.47 2.03 -5.13
CA LEU C 83 -17.62 2.45 -6.22
C LEU C 83 -18.34 2.62 -7.56
N ALA C 84 -19.28 1.72 -7.81
CA ALA C 84 -20.08 1.77 -9.04
C ALA C 84 -21.01 3.00 -9.00
N GLU C 85 -21.68 3.19 -7.91
CA GLU C 85 -22.66 4.31 -7.82
C GLU C 85 -22.00 5.67 -7.80
N ARG C 86 -20.91 5.79 -7.03
CA ARG C 86 -20.30 7.11 -6.79
C ARG C 86 -19.22 7.44 -7.72
N LEU C 87 -18.42 6.44 -8.15
CA LEU C 87 -17.28 6.68 -9.05
C LEU C 87 -17.42 6.08 -10.42
N ARG C 88 -18.61 5.41 -10.70
CA ARG C 88 -18.89 4.85 -11.98
C ARG C 88 -17.87 3.79 -12.44
N ILE C 89 -17.37 3.05 -11.45
CA ILE C 89 -16.44 1.96 -11.73
C ILE C 89 -17.17 0.63 -11.77
N SER C 90 -16.99 -0.13 -12.83
CA SER C 90 -17.60 -1.41 -12.93
C SER C 90 -17.10 -2.37 -11.86
N PRO C 91 -17.93 -3.13 -11.21
CA PRO C 91 -17.47 -4.05 -10.17
C PRO C 91 -16.46 -5.08 -10.63
N ASP C 92 -16.49 -5.40 -11.92
CA ASP C 92 -15.53 -6.39 -12.47
C ASP C 92 -14.16 -5.77 -12.75
N ARG C 93 -14.00 -4.49 -12.43
CA ARG C 93 -12.72 -3.77 -12.56
C ARG C 93 -12.21 -3.26 -11.21
N VAL C 94 -12.59 -3.96 -10.18
CA VAL C 94 -12.22 -3.70 -8.81
C VAL C 94 -11.60 -4.93 -8.20
N TYR C 95 -10.42 -4.74 -7.63
CA TYR C 95 -9.86 -5.73 -6.68
C TYR C 95 -9.77 -5.11 -5.30
N ILE C 96 -10.11 -5.90 -4.29
CA ILE C 96 -10.00 -5.49 -2.88
C ILE C 96 -9.25 -6.56 -2.12
N ASN C 97 -8.07 -6.23 -1.58
CA ASN C 97 -7.37 -7.17 -0.73
C ASN C 97 -7.77 -6.98 0.71
N TYR C 98 -8.05 -8.09 1.39
CA TYR C 98 -8.53 -8.12 2.80
C TYR C 98 -7.38 -8.61 3.67
N TYR C 99 -7.14 -7.90 4.76
CA TYR C 99 -6.08 -8.24 5.74
C TYR C 99 -6.65 -8.36 7.16
N ASP C 100 -6.57 -9.53 7.74
CA ASP C 100 -6.90 -9.71 9.19
C ASP C 100 -5.62 -9.43 9.96
N MET C 101 -5.54 -8.28 10.57
CA MET C 101 -4.33 -7.87 11.28
C MET C 101 -4.34 -8.44 12.73
N ASN C 102 -3.18 -8.96 13.18
CA ASN C 102 -3.01 -9.30 14.58
C ASN C 102 -2.91 -7.98 15.35
N ALA C 103 -3.62 -7.93 16.49
CA ALA C 103 -3.56 -6.73 17.34
C ALA C 103 -2.16 -6.24 17.69
N ALA C 104 -1.24 -7.17 17.77
CA ALA C 104 0.18 -6.79 18.08
C ALA C 104 0.87 -6.14 16.95
N ASN C 105 0.25 -6.24 15.74
CA ASN C 105 0.80 -5.67 14.54
C ASN C 105 0.10 -4.45 14.08
N VAL C 106 -0.70 -3.78 14.99
CA VAL C 106 -1.32 -2.50 14.66
C VAL C 106 -0.95 -1.49 15.73
N GLY C 107 -0.21 -0.48 15.34
CA GLY C 107 0.17 0.64 16.20
C GLY C 107 -0.85 1.75 16.15
N TRP C 108 -1.01 2.45 17.28
CA TRP C 108 -1.93 3.56 17.40
C TRP C 108 -1.64 4.22 18.75
N ASN C 109 -1.64 5.54 18.78
CA ASN C 109 -1.60 6.30 20.04
C ASN C 109 -0.43 5.84 20.92
N ASN C 110 0.72 5.74 20.26
CA ASN C 110 2.00 5.41 20.88
C ASN C 110 2.19 4.00 21.36
N SER C 111 1.28 3.08 21.07
CA SER C 111 1.38 1.71 21.50
C SER C 111 0.79 0.80 20.41
N THR C 112 0.43 -0.40 20.77
CA THR C 112 -0.29 -1.28 19.83
C THR C 112 -1.53 -1.75 20.50
N PHE C 113 -2.33 -2.54 19.83
CA PHE C 113 -3.56 -3.07 20.40
C PHE C 113 -3.44 -4.39 21.14
N ALA C 114 -2.24 -4.92 21.24
CA ALA C 114 -2.08 -6.19 21.92
C ALA C 114 -2.34 -6.06 23.44
#